data_8CV4
#
_entry.id   8CV4
#
_cell.length_a   53.575
_cell.length_b   65.855
_cell.length_c   76.395
_cell.angle_alpha   90.000
_cell.angle_beta   90.000
_cell.angle_gamma   90.000
#
_symmetry.space_group_name_H-M   'P 21 21 21'
#
loop_
_entity.id
_entity.type
_entity.pdbx_description
1 polymer 'BRD4 protein'
2 polymer 'Peptide 4.2F'
3 non-polymer 'ACETYL GROUP'
4 non-polymer 'AMINO GROUP'
5 water water
#
loop_
_entity_poly.entity_id
_entity_poly.type
_entity_poly.pdbx_seq_one_letter_code
_entity_poly.pdbx_strand_id
1 'polypeptide(L)'
;GPLGSSKVSEQLKCCSGILKEMFAKKHAAYAWPFYKPVDVEALGLHDYCDIIKHPMDMSTIKSKLEAREYRDAQEFGADV
RLMFSNCYKYNPPDHEVVAMARKLQDVFEMRFAKMPDEPEEP
;
A,B
2 'polypeptide(L)' W(ALY)YWR(ALY)YVLKIC C,D,E
#
# COMPACT_ATOMS: atom_id res chain seq x y z
N SER A 6 -4.96 -12.34 23.15
CA SER A 6 -3.64 -12.49 22.55
C SER A 6 -3.39 -11.33 21.61
N LYS A 7 -2.13 -11.06 21.31
CA LYS A 7 -1.82 -9.94 20.44
C LYS A 7 -2.48 -10.12 19.07
N VAL A 8 -2.53 -11.35 18.56
CA VAL A 8 -3.08 -11.58 17.22
C VAL A 8 -4.57 -11.24 17.19
N SER A 9 -5.33 -11.77 18.17
CA SER A 9 -6.77 -11.55 18.17
C SER A 9 -7.11 -10.07 18.30
N GLU A 10 -6.36 -9.34 19.13
CA GLU A 10 -6.63 -7.91 19.30
C GLU A 10 -6.20 -7.10 18.09
N GLN A 11 -5.11 -7.50 17.42
CA GLN A 11 -4.70 -6.80 16.20
C GLN A 11 -5.72 -7.02 15.08
N LEU A 12 -6.28 -8.24 15.00
CA LEU A 12 -7.38 -8.48 14.07
C LEU A 12 -8.58 -7.59 14.38
N LYS A 13 -8.93 -7.43 15.66
CA LYS A 13 -10.00 -6.52 16.03
C LYS A 13 -9.71 -5.10 15.55
N CYS A 14 -8.45 -4.65 15.67
CA CYS A 14 -8.07 -3.36 15.13
C CYS A 14 -8.26 -3.30 13.61
N CYS A 15 -7.98 -4.42 12.93
CA CYS A 15 -8.17 -4.47 11.48
C CYS A 15 -9.63 -4.28 11.10
N SER A 16 -10.54 -4.93 11.85
CA SER A 16 -11.96 -4.69 11.66
C SER A 16 -12.29 -3.21 11.81
N GLY A 17 -11.70 -2.56 12.82
CA GLY A 17 -12.00 -1.15 13.03
C GLY A 17 -11.50 -0.29 11.90
N ILE A 18 -10.34 -0.62 11.35
CA ILE A 18 -9.81 0.09 10.19
C ILE A 18 -10.74 -0.11 8.99
N LEU A 19 -11.15 -1.35 8.75
CA LEU A 19 -12.07 -1.60 7.63
C LEU A 19 -13.39 -0.86 7.84
N LYS A 20 -13.89 -0.82 9.07
CA LYS A 20 -15.11 -0.06 9.35
C LYS A 20 -14.92 1.41 9.01
N GLU A 21 -13.76 2.00 9.33
CA GLU A 21 -13.53 3.39 8.95
C GLU A 21 -13.48 3.54 7.44
N MET A 22 -12.88 2.57 6.76
CA MET A 22 -12.81 2.59 5.29
C MET A 22 -14.21 2.61 4.67
N PHE A 23 -15.21 2.06 5.36
CA PHE A 23 -16.60 2.05 4.94
C PHE A 23 -17.38 3.31 5.38
N ALA A 24 -16.79 4.21 6.16
CA ALA A 24 -17.56 5.28 6.78
C ALA A 24 -17.85 6.41 5.79
N LYS A 25 -18.90 7.17 6.09
CA LYS A 25 -19.34 8.24 5.18
C LYS A 25 -18.21 9.21 4.86
N LYS A 26 -17.42 9.59 5.87
CA LYS A 26 -16.41 10.62 5.66
C LYS A 26 -15.39 10.26 4.59
N HIS A 27 -15.23 8.98 4.25
CA HIS A 27 -14.31 8.56 3.19
C HIS A 27 -15.03 8.10 1.93
N ALA A 28 -16.36 8.21 1.87
CA ALA A 28 -17.13 7.56 0.82
C ALA A 28 -16.84 8.11 -0.56
N ALA A 29 -16.49 9.39 -0.67
CA ALA A 29 -16.39 9.99 -2.00
C ALA A 29 -15.28 9.37 -2.83
N TYR A 30 -14.30 8.72 -2.19
CA TYR A 30 -13.28 7.97 -2.91
C TYR A 30 -13.28 6.48 -2.57
N ALA A 31 -13.87 6.07 -1.45
CA ALA A 31 -13.82 4.66 -1.08
C ALA A 31 -14.84 3.81 -1.83
N TRP A 32 -15.94 4.40 -2.30
CA TRP A 32 -17.08 3.57 -2.70
C TRP A 32 -16.82 2.60 -3.85
N PRO A 33 -15.92 2.85 -4.82
CA PRO A 33 -15.69 1.82 -5.86
C PRO A 33 -15.19 0.50 -5.29
N PHE A 34 -14.68 0.51 -4.07
CA PHE A 34 -14.05 -0.66 -3.48
C PHE A 34 -14.95 -1.39 -2.48
N TYR A 35 -16.19 -0.93 -2.32
CA TYR A 35 -17.10 -1.52 -1.35
C TYR A 35 -17.44 -2.97 -1.70
N LYS A 36 -17.55 -3.28 -2.99
CA LYS A 36 -18.10 -4.57 -3.41
C LYS A 36 -17.26 -5.17 -4.52
N PRO A 37 -17.39 -6.47 -4.82
CA PRO A 37 -16.62 -7.04 -5.94
C PRO A 37 -16.90 -6.30 -7.24
N VAL A 38 -15.88 -6.23 -8.07
CA VAL A 38 -16.03 -5.72 -9.42
C VAL A 38 -16.97 -6.67 -10.16
N ASP A 39 -18.15 -6.18 -10.55
CA ASP A 39 -19.13 -6.99 -11.27
C ASP A 39 -18.77 -6.96 -12.75
N VAL A 40 -17.93 -7.91 -13.15
CA VAL A 40 -17.41 -7.93 -14.52
C VAL A 40 -18.56 -8.07 -15.51
N GLU A 41 -19.56 -8.89 -15.18
CA GLU A 41 -20.67 -9.12 -16.09
C GLU A 41 -21.53 -7.88 -16.27
N ALA A 42 -21.91 -7.25 -15.16
CA ALA A 42 -22.73 -6.04 -15.24
C ALA A 42 -22.01 -4.92 -15.98
N LEU A 43 -20.69 -4.83 -15.79
CA LEU A 43 -19.90 -3.78 -16.39
C LEU A 43 -19.47 -4.08 -17.82
N GLY A 44 -19.58 -5.33 -18.27
CA GLY A 44 -19.10 -5.69 -19.60
C GLY A 44 -17.59 -5.67 -19.75
N LEU A 45 -16.84 -5.98 -18.70
CA LEU A 45 -15.37 -5.92 -18.71
C LEU A 45 -14.82 -7.28 -19.15
N HIS A 46 -14.81 -7.48 -20.47
CA HIS A 46 -14.32 -8.75 -21.04
C HIS A 46 -12.84 -9.01 -20.79
N ASP A 47 -12.07 -8.03 -20.33
CA ASP A 47 -10.64 -8.23 -20.10
C ASP A 47 -10.27 -8.23 -18.63
N TYR A 48 -11.21 -8.03 -17.72
CA TYR A 48 -10.86 -7.92 -16.31
C TYR A 48 -10.22 -9.22 -15.80
N CYS A 49 -10.90 -10.35 -16.03
CA CYS A 49 -10.40 -11.63 -15.54
C CYS A 49 -9.12 -12.08 -16.25
N ASP A 50 -8.87 -11.57 -17.46
CA ASP A 50 -7.58 -11.82 -18.12
C ASP A 50 -6.43 -11.21 -17.34
N ILE A 51 -6.65 -10.04 -16.75
CA ILE A 51 -5.60 -9.22 -16.17
C ILE A 51 -5.50 -9.42 -14.66
N ILE A 52 -6.64 -9.59 -13.99
CA ILE A 52 -6.74 -9.67 -12.54
C ILE A 52 -7.03 -11.12 -12.17
N LYS A 53 -6.03 -11.82 -11.62
CA LYS A 53 -6.23 -13.22 -11.28
C LYS A 53 -6.79 -13.43 -9.87
N HIS A 54 -6.66 -12.46 -8.98
CA HIS A 54 -7.18 -12.58 -7.61
C HIS A 54 -7.95 -11.32 -7.25
N PRO A 55 -9.21 -11.22 -7.68
CA PRO A 55 -10.02 -10.06 -7.31
C PRO A 55 -10.19 -9.95 -5.80
N MET A 56 -10.29 -8.71 -5.33
CA MET A 56 -10.48 -8.42 -3.91
C MET A 56 -11.25 -7.12 -3.76
N ASP A 57 -12.06 -7.04 -2.69
CA ASP A 57 -12.85 -5.85 -2.41
C ASP A 57 -13.12 -5.81 -0.91
N MET A 58 -13.58 -4.64 -0.43
CA MET A 58 -13.78 -4.46 1.02
C MET A 58 -14.84 -5.39 1.60
N SER A 59 -15.93 -5.67 0.87
CA SER A 59 -16.95 -6.55 1.46
C SER A 59 -16.41 -7.97 1.62
N THR A 60 -15.59 -8.43 0.66
CA THR A 60 -14.98 -9.75 0.79
C THR A 60 -14.00 -9.78 1.96
N ILE A 61 -13.20 -8.72 2.13
CA ILE A 61 -12.28 -8.67 3.27
C ILE A 61 -13.06 -8.70 4.57
N LYS A 62 -14.19 -7.99 4.63
CA LYS A 62 -15.06 -8.09 5.81
C LYS A 62 -15.47 -9.52 6.05
N SER A 63 -15.93 -10.22 5.00
CA SER A 63 -16.39 -11.59 5.17
C SER A 63 -15.27 -12.50 5.62
N LYS A 64 -14.03 -12.23 5.17
CA LYS A 64 -12.91 -13.06 5.56
C LYS A 64 -12.54 -12.83 7.03
N LEU A 65 -12.61 -11.59 7.50
CA LEU A 65 -12.40 -11.33 8.92
C LEU A 65 -13.45 -12.02 9.78
N GLU A 66 -14.71 -11.98 9.34
CA GLU A 66 -15.76 -12.60 10.13
C GLU A 66 -15.66 -14.11 10.12
N ALA A 67 -15.17 -14.69 9.02
CA ALA A 67 -14.91 -16.11 8.92
C ALA A 67 -13.49 -16.49 9.34
N ARG A 68 -12.74 -15.54 9.91
CA ARG A 68 -11.45 -15.80 10.56
C ARG A 68 -10.43 -16.38 9.58
N GLU A 69 -10.39 -15.83 8.36
CA GLU A 69 -9.51 -16.32 7.31
C GLU A 69 -8.11 -15.71 7.36
N TYR A 70 -7.91 -14.65 8.14
CA TYR A 70 -6.61 -13.99 8.24
C TYR A 70 -5.92 -14.45 9.52
N ARG A 71 -4.70 -14.99 9.36
CA ARG A 71 -3.94 -15.45 10.53
C ARG A 71 -3.55 -14.30 11.45
N ASP A 72 -3.41 -13.10 10.90
CA ASP A 72 -2.85 -11.97 11.63
C ASP A 72 -3.06 -10.72 10.79
N ALA A 73 -2.66 -9.58 11.34
CA ALA A 73 -2.91 -8.30 10.67
C ALA A 73 -2.19 -8.21 9.33
N GLN A 74 -1.05 -8.90 9.17
CA GLN A 74 -0.33 -8.78 7.91
C GLN A 74 -1.03 -9.51 6.76
N GLU A 75 -1.76 -10.58 7.04
CA GLU A 75 -2.56 -11.21 5.97
C GLU A 75 -3.79 -10.37 5.63
N PHE A 76 -4.39 -9.72 6.64
CA PHE A 76 -5.40 -8.71 6.38
C PHE A 76 -4.87 -7.60 5.48
N GLY A 77 -3.73 -7.00 5.86
CA GLY A 77 -3.16 -5.93 5.06
C GLY A 77 -2.87 -6.34 3.63
N ALA A 78 -2.39 -7.58 3.43
CA ALA A 78 -2.05 -8.02 2.08
C ALA A 78 -3.27 -8.04 1.19
N ASP A 79 -4.42 -8.44 1.74
CA ASP A 79 -5.65 -8.42 0.96
C ASP A 79 -6.09 -6.99 0.66
N VAL A 80 -5.92 -6.09 1.62
CA VAL A 80 -6.23 -4.68 1.34
C VAL A 80 -5.37 -4.18 0.21
N ARG A 81 -4.08 -4.53 0.23
CA ARG A 81 -3.17 -4.03 -0.79
C ARG A 81 -3.40 -4.73 -2.13
N LEU A 82 -3.87 -5.98 -2.11
CA LEU A 82 -4.26 -6.65 -3.35
C LEU A 82 -5.40 -5.90 -4.04
N MET A 83 -6.46 -5.56 -3.28
CA MET A 83 -7.49 -4.63 -3.73
C MET A 83 -6.94 -3.47 -4.55
N PHE A 84 -6.10 -2.65 -3.90
CA PHE A 84 -5.56 -1.47 -4.56
C PHE A 84 -4.69 -1.85 -5.76
N SER A 85 -3.85 -2.86 -5.61
CA SER A 85 -2.98 -3.28 -6.71
C SER A 85 -3.79 -3.66 -7.94
N ASN A 86 -4.87 -4.43 -7.75
CA ASN A 86 -5.76 -4.81 -8.86
C ASN A 86 -6.26 -3.57 -9.58
N CYS A 87 -6.63 -2.55 -8.82
CA CYS A 87 -7.10 -1.30 -9.40
C CYS A 87 -5.99 -0.57 -10.16
N TYR A 88 -4.79 -0.49 -9.58
CA TYR A 88 -3.65 0.09 -10.31
C TYR A 88 -3.30 -0.72 -11.56
N LYS A 89 -3.40 -2.04 -11.47
CA LYS A 89 -3.00 -2.86 -12.62
C LYS A 89 -4.00 -2.74 -13.77
N TYR A 90 -5.29 -2.75 -13.47
CA TYR A 90 -6.29 -2.89 -14.53
C TYR A 90 -6.56 -1.56 -15.24
N ASN A 91 -6.57 -0.48 -14.53
CA ASN A 91 -7.05 0.78 -15.09
C ASN A 91 -5.91 1.63 -15.63
N PRO A 92 -6.19 2.51 -16.59
CA PRO A 92 -5.17 3.48 -17.03
C PRO A 92 -4.69 4.30 -15.85
N PRO A 93 -3.41 4.68 -15.82
CA PRO A 93 -2.88 5.38 -14.64
C PRO A 93 -3.51 6.75 -14.40
N ASP A 94 -4.09 7.39 -15.42
CA ASP A 94 -4.76 8.66 -15.21
C ASP A 94 -6.26 8.51 -14.92
N HIS A 95 -6.75 7.29 -14.74
CA HIS A 95 -8.17 7.08 -14.55
C HIS A 95 -8.60 7.61 -13.19
N GLU A 96 -9.84 8.13 -13.11
CA GLU A 96 -10.36 8.63 -11.85
C GLU A 96 -10.26 7.59 -10.75
N VAL A 97 -10.50 6.31 -11.08
CA VAL A 97 -10.57 5.29 -10.04
C VAL A 97 -9.20 5.04 -9.43
N VAL A 98 -8.12 5.32 -10.17
CA VAL A 98 -6.78 5.17 -9.60
C VAL A 98 -6.54 6.23 -8.53
N ALA A 99 -6.90 7.48 -8.82
CA ALA A 99 -6.74 8.54 -7.82
C ALA A 99 -7.54 8.21 -6.58
N MET A 100 -8.71 7.61 -6.78
CA MET A 100 -9.61 7.26 -5.70
C MET A 100 -8.97 6.19 -4.83
N ALA A 101 -8.39 5.17 -5.48
CA ALA A 101 -7.66 4.13 -4.77
C ALA A 101 -6.53 4.71 -3.94
N ARG A 102 -5.79 5.66 -4.51
CA ARG A 102 -4.67 6.27 -3.79
C ARG A 102 -5.13 6.99 -2.54
N LYS A 103 -6.22 7.76 -2.67
CA LYS A 103 -6.75 8.49 -1.52
C LYS A 103 -7.16 7.53 -0.42
N LEU A 104 -7.86 6.43 -0.78
CA LEU A 104 -8.24 5.45 0.24
C LEU A 104 -7.01 4.72 0.79
N GLN A 105 -6.06 4.38 -0.08
CA GLN A 105 -4.85 3.74 0.40
C GLN A 105 -4.12 4.65 1.40
N ASP A 106 -4.11 5.95 1.13
CA ASP A 106 -3.47 6.89 2.04
C ASP A 106 -4.06 6.75 3.45
N VAL A 107 -5.39 6.66 3.53
CA VAL A 107 -6.05 6.49 4.83
C VAL A 107 -5.70 5.14 5.43
N PHE A 108 -5.77 4.09 4.63
CA PHE A 108 -5.48 2.76 5.15
C PHE A 108 -4.06 2.65 5.66
N GLU A 109 -3.09 3.18 4.91
CA GLU A 109 -1.71 2.99 5.32
C GLU A 109 -1.42 3.71 6.62
N MET A 110 -2.02 4.89 6.80
CA MET A 110 -1.70 5.66 8.01
C MET A 110 -2.32 4.97 9.23
N ARG A 111 -3.54 4.44 9.11
CA ARG A 111 -4.16 3.72 10.22
C ARG A 111 -3.44 2.41 10.51
N PHE A 112 -3.13 1.65 9.45
CA PHE A 112 -2.48 0.36 9.60
C PHE A 112 -1.10 0.52 10.21
N ALA A 113 -0.36 1.57 9.82
CA ALA A 113 0.97 1.79 10.37
C ALA A 113 0.91 2.12 11.85
N LYS A 114 -0.13 2.82 12.29
CA LYS A 114 -0.18 3.30 13.66
C LYS A 114 -0.87 2.33 14.60
N MET A 115 -1.22 1.14 14.13
CA MET A 115 -1.87 0.19 15.01
C MET A 115 -0.89 -0.27 16.10
N PRO A 116 -1.35 -0.36 17.35
CA PRO A 116 -0.46 -0.81 18.43
C PRO A 116 0.17 -2.16 18.11
N ASP A 117 1.47 -2.28 18.41
CA ASP A 117 2.15 -3.56 18.25
C ASP A 117 1.71 -4.58 19.29
N GLU A 118 1.17 -4.13 20.42
CA GLU A 118 0.65 -5.00 21.49
C GLU A 118 -0.71 -4.47 21.96
N PRO A 119 -1.75 -4.57 21.12
CA PRO A 119 -3.04 -3.95 21.50
C PRO A 119 -3.68 -4.57 22.73
N GLU A 120 -3.32 -5.80 23.10
CA GLU A 120 -3.87 -6.44 24.28
C GLU A 120 -3.24 -5.96 25.59
N GLU A 121 -2.45 -4.90 25.54
CA GLU A 121 -1.71 -4.45 26.72
C GLU A 121 -1.82 -2.93 26.89
N LYS B 7 6.81 -17.60 -12.53
CA LYS B 7 8.11 -18.03 -12.05
C LYS B 7 8.63 -17.05 -11.00
N VAL B 8 9.05 -17.59 -9.86
CA VAL B 8 9.56 -16.75 -8.79
C VAL B 8 10.87 -16.11 -9.22
N SER B 9 11.73 -16.86 -9.91
CA SER B 9 12.98 -16.32 -10.42
C SER B 9 12.75 -15.02 -11.18
N GLU B 10 11.90 -15.07 -12.22
CA GLU B 10 11.71 -13.89 -13.06
C GLU B 10 10.96 -12.78 -12.34
N GLN B 11 10.00 -13.11 -11.46
CA GLN B 11 9.34 -12.04 -10.72
C GLN B 11 10.31 -11.37 -9.76
N LEU B 12 11.22 -12.14 -9.16
CA LEU B 12 12.23 -11.54 -8.31
C LEU B 12 13.16 -10.63 -9.11
N LYS B 13 13.47 -11.01 -10.37
CA LYS B 13 14.24 -10.11 -11.23
C LYS B 13 13.48 -8.82 -11.50
N CYS B 14 12.17 -8.90 -11.76
CA CYS B 14 11.37 -7.68 -11.84
C CYS B 14 11.47 -6.86 -10.55
N CYS B 15 11.51 -7.52 -9.39
CA CYS B 15 11.61 -6.80 -8.13
C CYS B 15 12.91 -6.02 -8.02
N SER B 16 14.04 -6.60 -8.45
CA SER B 16 15.27 -5.83 -8.49
C SER B 16 15.13 -4.64 -9.44
N GLY B 17 14.50 -4.86 -10.60
CA GLY B 17 14.26 -3.76 -11.52
C GLY B 17 13.49 -2.62 -10.88
N ILE B 18 12.43 -2.95 -10.14
CA ILE B 18 11.68 -1.89 -9.46
C ILE B 18 12.56 -1.18 -8.43
N LEU B 19 13.34 -1.93 -7.64
CA LEU B 19 14.17 -1.28 -6.64
C LEU B 19 15.21 -0.38 -7.32
N LYS B 20 15.78 -0.84 -8.43
CA LYS B 20 16.70 -0.02 -9.19
C LYS B 20 16.06 1.31 -9.58
N GLU B 21 14.78 1.31 -10.01
CA GLU B 21 14.15 2.58 -10.39
C GLU B 21 13.92 3.45 -9.16
N MET B 22 13.65 2.82 -8.02
CA MET B 22 13.47 3.54 -6.76
C MET B 22 14.75 4.29 -6.35
N PHE B 23 15.92 3.76 -6.70
CA PHE B 23 17.21 4.41 -6.50
C PHE B 23 17.58 5.39 -7.61
N ALA B 24 16.80 5.46 -8.69
CA ALA B 24 17.21 6.23 -9.87
C ALA B 24 17.14 7.73 -9.61
N LYS B 25 17.97 8.48 -10.34
CA LYS B 25 18.05 9.93 -10.17
C LYS B 25 16.67 10.61 -10.30
N LYS B 26 15.87 10.20 -11.29
CA LYS B 26 14.59 10.87 -11.50
C LYS B 26 13.68 10.86 -10.28
N HIS B 27 13.84 9.91 -9.35
CA HIS B 27 13.02 9.87 -8.14
C HIS B 27 13.76 10.37 -6.89
N ALA B 28 15.01 10.81 -7.02
CA ALA B 28 15.86 11.01 -5.84
C ALA B 28 15.31 12.07 -4.89
N ALA B 29 14.64 13.08 -5.43
CA ALA B 29 14.22 14.21 -4.60
C ALA B 29 13.27 13.80 -3.48
N TYR B 30 12.56 12.67 -3.61
CA TYR B 30 11.77 12.18 -2.50
C TYR B 30 12.17 10.79 -2.01
N ALA B 31 12.91 10.02 -2.80
CA ALA B 31 13.30 8.67 -2.40
C ALA B 31 14.50 8.66 -1.44
N TRP B 32 15.32 9.72 -1.45
CA TRP B 32 16.62 9.63 -0.78
C TRP B 32 16.53 9.38 0.74
N PRO B 33 15.51 9.80 1.49
CA PRO B 33 15.50 9.44 2.93
C PRO B 33 15.47 7.95 3.17
N PHE B 34 15.06 7.17 2.17
CA PHE B 34 14.83 5.75 2.33
C PHE B 34 15.95 4.90 1.76
N TYR B 35 17.04 5.54 1.32
CA TYR B 35 18.14 4.82 0.70
C TYR B 35 18.86 3.90 1.68
N LYS B 36 19.02 4.34 2.92
CA LYS B 36 19.88 3.66 3.89
C LYS B 36 19.18 3.53 5.22
N PRO B 37 19.67 2.66 6.10
CA PRO B 37 19.06 2.54 7.45
C PRO B 37 18.97 3.89 8.14
N VAL B 38 17.87 4.09 8.88
CA VAL B 38 17.75 5.25 9.77
C VAL B 38 18.84 5.13 10.83
N ASP B 39 19.77 6.09 10.85
CA ASP B 39 20.89 6.05 11.78
C ASP B 39 20.44 6.73 13.07
N VAL B 40 19.85 5.94 13.99
CA VAL B 40 19.23 6.58 15.16
C VAL B 40 20.28 7.25 16.04
N GLU B 41 21.50 6.71 16.07
CA GLU B 41 22.54 7.32 16.87
C GLU B 41 22.97 8.66 16.28
N ALA B 42 23.20 8.70 14.96
CA ALA B 42 23.64 9.94 14.35
C ALA B 42 22.58 11.02 14.46
N LEU B 43 21.31 10.62 14.35
CA LEU B 43 20.19 11.54 14.42
C LEU B 43 19.75 11.83 15.85
N GLY B 44 20.27 11.10 16.83
CA GLY B 44 19.88 11.29 18.22
C GLY B 44 18.44 10.94 18.50
N LEU B 45 17.92 9.89 17.85
CA LEU B 45 16.50 9.54 17.93
C LEU B 45 16.28 8.51 19.03
N HIS B 46 16.14 9.00 20.26
CA HIS B 46 16.05 8.12 21.42
C HIS B 46 14.76 7.30 21.49
N ASP B 47 13.77 7.59 20.65
CA ASP B 47 12.50 6.89 20.69
C ASP B 47 12.23 6.05 19.44
N TYR B 48 13.14 6.07 18.46
CA TYR B 48 12.89 5.34 17.21
C TYR B 48 12.73 3.85 17.47
N CYS B 49 13.70 3.23 18.17
CA CYS B 49 13.62 1.81 18.44
C CYS B 49 12.49 1.46 19.40
N ASP B 50 12.01 2.41 20.21
CA ASP B 50 10.85 2.16 21.05
C ASP B 50 9.61 1.95 20.21
N ILE B 51 9.51 2.67 19.09
CA ILE B 51 8.30 2.75 18.29
C ILE B 51 8.37 1.83 17.08
N ILE B 52 9.56 1.68 16.49
CA ILE B 52 9.72 0.92 15.26
C ILE B 52 10.46 -0.37 15.59
N LYS B 53 9.73 -1.48 15.55
CA LYS B 53 10.34 -2.74 15.96
C LYS B 53 11.13 -3.41 14.84
N HIS B 54 10.82 -3.12 13.58
CA HIS B 54 11.47 -3.78 12.45
C HIS B 54 11.85 -2.72 11.44
N PRO B 55 12.94 -1.99 11.69
CA PRO B 55 13.39 -0.98 10.74
C PRO B 55 13.63 -1.60 9.37
N MET B 56 13.45 -0.79 8.31
CA MET B 56 13.71 -1.28 6.97
C MET B 56 14.05 -0.11 6.05
N ASP B 57 14.90 -0.40 5.06
CA ASP B 57 15.35 0.62 4.13
C ASP B 57 15.69 -0.04 2.81
N MET B 58 15.91 0.80 1.79
CA MET B 58 16.14 0.30 0.44
C MET B 58 17.46 -0.47 0.32
N SER B 59 18.52 -0.06 1.04
CA SER B 59 19.77 -0.80 0.95
C SER B 59 19.65 -2.19 1.57
N THR B 60 18.93 -2.30 2.69
CA THR B 60 18.65 -3.62 3.26
C THR B 60 17.86 -4.48 2.27
N ILE B 61 16.86 -3.89 1.63
CA ILE B 61 16.06 -4.67 0.66
C ILE B 61 16.96 -5.11 -0.49
N LYS B 62 17.83 -4.21 -0.97
CA LYS B 62 18.78 -4.58 -2.02
C LYS B 62 19.62 -5.78 -1.60
N SER B 63 20.16 -5.73 -0.39
CA SER B 63 21.06 -6.81 0.00
C SER B 63 20.31 -8.10 0.30
N LYS B 64 19.01 -8.03 0.66
CA LYS B 64 18.25 -9.28 0.81
C LYS B 64 17.96 -9.91 -0.55
N LEU B 65 17.66 -9.09 -1.56
CA LEU B 65 17.55 -9.60 -2.93
C LEU B 65 18.84 -10.27 -3.35
N GLU B 66 19.98 -9.59 -3.14
CA GLU B 66 21.24 -10.16 -3.61
C GLU B 66 21.55 -11.45 -2.86
N ALA B 67 21.20 -11.51 -1.58
CA ALA B 67 21.39 -12.69 -0.76
C ALA B 67 20.32 -13.75 -0.97
N ARG B 68 19.37 -13.52 -1.88
CA ARG B 68 18.30 -14.46 -2.18
C ARG B 68 17.48 -14.78 -0.93
N GLU B 69 17.26 -13.77 -0.09
CA GLU B 69 16.53 -13.98 1.14
C GLU B 69 15.02 -14.02 0.91
N TYR B 70 14.53 -13.35 -0.12
CA TYR B 70 13.09 -13.31 -0.37
C TYR B 70 12.67 -14.58 -1.10
N ARG B 71 11.62 -15.24 -0.59
CA ARG B 71 11.11 -16.43 -1.24
C ARG B 71 10.38 -16.12 -2.53
N ASP B 72 9.79 -14.93 -2.64
CA ASP B 72 8.97 -14.55 -3.80
C ASP B 72 8.73 -13.05 -3.77
N ALA B 73 7.99 -12.56 -4.76
CA ALA B 73 7.80 -11.13 -4.91
C ALA B 73 6.95 -10.54 -3.79
N GLN B 74 6.06 -11.34 -3.21
CA GLN B 74 5.22 -10.83 -2.12
C GLN B 74 6.05 -10.55 -0.87
N GLU B 75 7.07 -11.35 -0.60
CA GLU B 75 7.92 -11.07 0.56
C GLU B 75 8.72 -9.80 0.32
N PHE B 76 9.18 -9.59 -0.92
CA PHE B 76 9.82 -8.33 -1.29
C PHE B 76 8.88 -7.15 -1.09
N GLY B 77 7.67 -7.24 -1.63
CA GLY B 77 6.70 -6.16 -1.47
C GLY B 77 6.41 -5.84 -0.02
N ALA B 78 6.35 -6.86 0.83
CA ALA B 78 6.03 -6.62 2.24
C ALA B 78 7.13 -5.80 2.91
N ASP B 79 8.39 -6.05 2.54
CA ASP B 79 9.49 -5.27 3.11
C ASP B 79 9.45 -3.83 2.59
N VAL B 80 9.13 -3.64 1.32
CA VAL B 80 8.96 -2.27 0.84
C VAL B 80 7.86 -1.56 1.63
N ARG B 81 6.75 -2.26 1.85
CA ARG B 81 5.61 -1.67 2.57
C ARG B 81 5.98 -1.40 4.02
N LEU B 82 6.72 -2.31 4.64
CA LEU B 82 7.20 -2.10 6.00
C LEU B 82 7.99 -0.81 6.11
N MET B 83 8.89 -0.56 5.16
CA MET B 83 9.65 0.69 5.11
C MET B 83 8.74 1.90 5.19
N PHE B 84 7.74 1.96 4.30
CA PHE B 84 6.82 3.09 4.28
C PHE B 84 6.03 3.17 5.58
N SER B 85 5.55 2.02 6.05
CA SER B 85 4.77 1.98 7.29
C SER B 85 5.57 2.51 8.47
N ASN B 86 6.86 2.14 8.55
CA ASN B 86 7.72 2.65 9.61
C ASN B 86 7.77 4.18 9.57
N CYS B 87 7.90 4.74 8.38
CA CYS B 87 7.91 6.20 8.23
C CYS B 87 6.58 6.81 8.67
N TYR B 88 5.45 6.24 8.25
CA TYR B 88 4.14 6.76 8.66
C TYR B 88 3.93 6.64 10.16
N LYS B 89 4.44 5.56 10.77
CA LYS B 89 4.21 5.35 12.19
C LYS B 89 5.02 6.33 13.05
N TYR B 90 6.30 6.53 12.69
CA TYR B 90 7.20 7.30 13.55
C TYR B 90 6.98 8.81 13.45
N ASN B 91 6.71 9.32 12.26
CA ASN B 91 6.74 10.77 12.05
C ASN B 91 5.34 11.37 12.15
N PRO B 92 5.23 12.66 12.52
CA PRO B 92 3.94 13.32 12.47
C PRO B 92 3.38 13.27 11.06
N PRO B 93 2.05 13.19 10.93
CA PRO B 93 1.46 13.04 9.59
C PRO B 93 1.66 14.24 8.69
N ASP B 94 1.93 15.42 9.27
CA ASP B 94 2.18 16.61 8.47
C ASP B 94 3.64 16.75 8.07
N HIS B 95 4.50 15.82 8.49
CA HIS B 95 5.93 15.94 8.29
C HIS B 95 6.28 15.76 6.81
N GLU B 96 7.29 16.48 6.36
CA GLU B 96 7.67 16.42 4.95
C GLU B 96 8.12 15.02 4.54
N VAL B 97 8.68 14.25 5.47
CA VAL B 97 9.15 12.91 5.10
C VAL B 97 7.98 12.00 4.81
N VAL B 98 6.82 12.25 5.44
CA VAL B 98 5.63 11.46 5.16
C VAL B 98 5.18 11.70 3.71
N ALA B 99 5.14 12.95 3.29
CA ALA B 99 4.80 13.25 1.90
C ALA B 99 5.77 12.59 0.94
N MET B 100 7.07 12.56 1.28
CA MET B 100 8.05 11.94 0.41
C MET B 100 7.83 10.44 0.31
N ALA B 101 7.58 9.78 1.45
CA ALA B 101 7.22 8.37 1.43
C ALA B 101 6.03 8.11 0.51
N ARG B 102 5.01 8.97 0.56
CA ARG B 102 3.83 8.74 -0.28
C ARG B 102 4.18 8.87 -1.75
N LYS B 103 5.04 9.84 -2.10
CA LYS B 103 5.45 9.99 -3.49
C LYS B 103 6.21 8.75 -3.96
N LEU B 104 7.09 8.20 -3.11
CA LEU B 104 7.83 7.00 -3.49
C LEU B 104 6.92 5.78 -3.48
N GLN B 105 6.02 5.69 -2.50
CA GLN B 105 5.07 4.59 -2.51
C GLN B 105 4.19 4.63 -3.75
N ASP B 106 3.86 5.84 -4.25
CA ASP B 106 3.05 5.94 -5.45
C ASP B 106 3.72 5.21 -6.61
N VAL B 107 5.02 5.43 -6.80
CA VAL B 107 5.70 4.79 -7.91
C VAL B 107 5.90 3.30 -7.64
N PHE B 108 6.27 2.93 -6.40
CA PHE B 108 6.40 1.50 -6.09
C PHE B 108 5.11 0.75 -6.38
N GLU B 109 3.99 1.25 -5.85
CA GLU B 109 2.73 0.51 -6.01
C GLU B 109 2.37 0.37 -7.49
N MET B 110 2.66 1.38 -8.30
CA MET B 110 2.20 1.33 -9.68
C MET B 110 3.06 0.31 -10.45
N ARG B 111 4.37 0.28 -10.18
CA ARG B 111 5.26 -0.69 -10.82
C ARG B 111 4.96 -2.11 -10.34
N PHE B 112 4.82 -2.29 -9.03
CA PHE B 112 4.59 -3.61 -8.45
C PHE B 112 3.29 -4.21 -8.96
N ALA B 113 2.26 -3.37 -9.08
CA ALA B 113 0.96 -3.85 -9.55
C ALA B 113 1.02 -4.30 -11.01
N LYS B 114 1.83 -3.63 -11.83
CA LYS B 114 1.85 -3.94 -13.26
C LYS B 114 2.86 -5.01 -13.59
N MET B 115 3.44 -5.63 -12.58
CA MET B 115 4.38 -6.71 -12.82
C MET B 115 3.66 -7.89 -13.47
N PRO B 116 4.20 -8.45 -14.54
CA PRO B 116 3.53 -9.60 -15.16
C PRO B 116 3.31 -10.72 -14.16
N ASP B 117 2.19 -11.43 -14.33
CA ASP B 117 1.96 -12.60 -13.50
C ASP B 117 2.85 -13.77 -13.89
N GLU B 118 3.35 -13.80 -15.13
CA GLU B 118 4.30 -14.83 -15.60
C GLU B 118 5.39 -14.18 -16.45
N PRO B 119 6.30 -13.42 -15.81
CA PRO B 119 7.34 -12.73 -16.59
C PRO B 119 8.27 -13.66 -17.37
N GLU B 120 8.21 -14.96 -17.14
CA GLU B 120 9.08 -15.90 -17.82
C GLU B 120 8.51 -16.37 -19.16
N GLU B 121 7.31 -15.93 -19.50
CA GLU B 121 6.59 -16.49 -20.65
C GLU B 121 6.71 -15.62 -21.89
N TRP C 1 19.26 15.86 11.72
CA TRP C 1 19.11 16.05 10.28
C TRP C 1 19.62 14.87 9.45
N TYR C 3 20.85 13.78 5.61
CA TYR C 3 21.50 14.44 4.46
C TYR C 3 21.67 13.45 3.32
N TRP C 4 21.45 13.89 2.08
CA TRP C 4 21.96 13.15 0.94
C TRP C 4 22.22 14.14 -0.18
N ARG C 5 23.46 14.16 -0.65
CA ARG C 5 23.89 15.14 -1.64
C ARG C 5 23.36 16.52 -1.25
N TYR C 7 20.53 17.58 -0.63
CA TYR C 7 19.29 17.58 0.15
C TYR C 7 19.51 17.45 1.64
N VAL C 8 18.61 18.06 2.41
CA VAL C 8 18.64 18.00 3.86
C VAL C 8 17.20 17.82 4.33
N LEU C 9 17.03 17.16 5.48
CA LEU C 9 15.69 16.89 6.00
C LEU C 9 15.76 16.71 7.51
N LYS C 10 14.95 17.46 8.25
CA LYS C 10 14.98 17.39 9.71
C LYS C 10 14.03 16.29 10.18
N ILE C 11 14.60 15.23 10.77
CA ILE C 11 13.82 14.13 11.31
C ILE C 11 13.73 14.20 12.83
N CYS C 12 14.79 14.65 13.51
CA CYS C 12 14.81 14.67 14.97
C CYS C 12 14.07 15.88 15.51
N TRP D 1 -20.65 1.44 -16.27
CA TRP D 1 -20.67 2.32 -15.10
C TRP D 1 -20.83 1.58 -13.78
N TYR D 3 -21.94 2.12 -9.80
CA TYR D 3 -22.93 2.95 -9.09
C TYR D 3 -22.85 2.71 -7.60
N TRP D 4 -22.94 3.77 -6.80
CA TRP D 4 -23.18 3.63 -5.36
C TRP D 4 -23.87 4.90 -4.90
N ARG D 5 -25.10 4.75 -4.39
CA ARG D 5 -25.92 5.87 -3.97
C ARG D 5 -25.85 6.98 -5.03
N TYR D 7 -23.46 8.46 -6.41
CA TYR D 7 -22.22 8.44 -7.19
C TYR D 7 -22.27 7.50 -8.39
N VAL D 8 -21.57 7.88 -9.47
CA VAL D 8 -21.42 7.03 -10.64
C VAL D 8 -19.99 7.22 -11.15
N LEU D 9 -19.48 6.20 -11.84
CA LEU D 9 -18.10 6.19 -12.31
C LEU D 9 -17.95 5.22 -13.45
N LYS D 10 -17.43 5.70 -14.59
CA LYS D 10 -17.28 4.86 -15.77
C LYS D 10 -15.98 4.06 -15.64
N ILE D 11 -16.11 2.73 -15.59
CA ILE D 11 -14.96 1.85 -15.59
C ILE D 11 -14.73 1.17 -16.93
N CYS D 12 -15.80 0.90 -17.70
CA CYS D 12 -15.72 0.14 -18.94
C CYS D 12 -15.32 1.00 -20.13
N TRP E 1 -18.76 10.90 -10.59
CA TRP E 1 -19.75 11.97 -10.63
C TRP E 1 -20.78 11.80 -9.51
N TYR E 3 -24.77 13.07 -8.24
CA TYR E 3 -26.06 13.74 -8.33
C TYR E 3 -26.17 14.59 -7.07
N TRP E 4 -26.26 15.92 -7.24
CA TRP E 4 -26.18 16.84 -6.10
C TRP E 4 -27.11 18.01 -6.41
N ARG E 5 -28.28 18.02 -5.77
CA ARG E 5 -29.30 19.05 -5.96
C ARG E 5 -29.46 19.49 -7.41
N TYR E 7 -27.93 19.12 -10.01
CA TYR E 7 -26.70 19.09 -10.78
C TYR E 7 -26.16 17.66 -10.80
N VAL E 8 -25.17 17.43 -11.66
CA VAL E 8 -24.42 16.18 -11.66
C VAL E 8 -22.96 16.58 -11.74
N LEU E 9 -22.26 16.60 -10.60
CA LEU E 9 -20.94 17.21 -10.52
C LEU E 9 -19.84 16.16 -10.38
N LYS E 10 -18.67 16.47 -10.93
CA LYS E 10 -17.53 15.55 -10.93
C LYS E 10 -16.72 15.81 -9.66
N ILE E 11 -16.91 14.99 -8.64
CA ILE E 11 -16.10 15.19 -7.45
C ILE E 11 -14.94 14.20 -7.34
N CYS E 12 -14.97 13.09 -8.08
CA CYS E 12 -13.85 12.14 -8.06
C CYS E 12 -12.78 12.56 -9.06
#